data_1UDS
#
_entry.id   1UDS
#
_cell.length_a   144.713
_cell.length_b   144.713
_cell.length_c   83.166
_cell.angle_alpha   90.00
_cell.angle_beta   90.00
_cell.angle_gamma   120.00
#
_symmetry.space_group_name_H-M   'P 63 2 2'
#
loop_
_entity.id
_entity.type
_entity.pdbx_description
1 polymer 'Ribonuclease PH'
2 non-polymer 'PHOSPHATE ION'
3 non-polymer 'SULFATE ION'
4 water water
#
_entity_poly.entity_id   1
_entity_poly.type   'polypeptide(L)'
_entity_poly.pdbx_seq_one_letter_code
;MRSDGRKEDQLRPVSIQRDFLEYPEGSCLISFGKTKVICTASVIENVPNWLKGKGQGWITAEYSMLPRATQQRTIRESVQ
GRIGGRTHEIQRMIGRAMRTAVELTKIGERTIWVDCDVIQADGGTATAAITGAFVAVADAIIKLHKEGIIEETPIKDFVA
AVSVGIVNDRILLDLNFEEDSAAQVDMNVVGTGSGRLSEVHTMGEEYSFTKDELIKMLDLAQKGINELIELQKKLYVIQD
GKWERSELKEVSSTT
;
_entity_poly.pdbx_strand_id   A
#
loop_
_chem_comp.id
_chem_comp.type
_chem_comp.name
_chem_comp.formula
PO4 non-polymer 'PHOSPHATE ION' 'O4 P -3'
SO4 non-polymer 'SULFATE ION' 'O4 S -2'
#
# COMPACT_ATOMS: atom_id res chain seq x y z
N ARG A 2 17.82 -17.90 1.92
CA ARG A 2 16.50 -17.70 2.61
C ARG A 2 15.56 -18.87 2.39
N SER A 3 14.72 -19.13 3.39
CA SER A 3 13.75 -20.22 3.33
C SER A 3 13.18 -20.52 1.95
N ASP A 4 12.53 -19.54 1.33
CA ASP A 4 11.93 -19.73 0.01
C ASP A 4 12.92 -19.80 -1.15
N GLY A 5 14.20 -19.86 -0.83
CA GLY A 5 15.23 -19.93 -1.86
C GLY A 5 15.45 -18.59 -2.54
N ARG A 6 14.82 -17.55 -1.99
CA ARG A 6 14.89 -16.20 -2.53
C ARG A 6 16.18 -15.49 -2.11
N LYS A 7 16.67 -14.59 -2.95
CA LYS A 7 17.88 -13.84 -2.62
C LYS A 7 17.58 -12.77 -1.59
N GLU A 8 18.63 -12.19 -1.04
CA GLU A 8 18.48 -11.16 -0.01
C GLU A 8 17.91 -9.84 -0.52
N ASP A 9 18.21 -9.49 -1.76
CA ASP A 9 17.71 -8.24 -2.33
C ASP A 9 16.58 -8.50 -3.33
N GLN A 10 15.91 -9.61 -3.10
CA GLN A 10 14.83 -10.04 -3.98
C GLN A 10 13.41 -10.08 -3.37
N LEU A 11 12.46 -9.47 -4.07
CA LEU A 11 11.05 -9.45 -3.65
C LEU A 11 10.42 -10.82 -3.88
N ARG A 12 9.29 -11.09 -3.23
CA ARG A 12 8.60 -12.35 -3.50
C ARG A 12 7.85 -12.13 -4.83
N PRO A 13 7.22 -13.19 -5.36
CA PRO A 13 6.48 -13.00 -6.62
C PRO A 13 5.35 -11.99 -6.32
N VAL A 14 5.26 -10.94 -7.12
CA VAL A 14 4.22 -9.93 -6.90
C VAL A 14 3.17 -9.98 -8.00
N SER A 15 1.92 -9.86 -7.60
CA SER A 15 0.82 -9.86 -8.56
C SER A 15 -0.19 -8.76 -8.21
N ILE A 16 -0.61 -7.95 -9.18
CA ILE A 16 -1.60 -6.93 -8.93
C ILE A 16 -2.73 -7.10 -9.96
N GLN A 17 -3.96 -7.29 -9.49
CA GLN A 17 -5.09 -7.48 -10.40
C GLN A 17 -6.14 -6.38 -10.20
N ARG A 18 -6.34 -5.53 -11.20
CA ARG A 18 -7.31 -4.44 -11.08
C ARG A 18 -8.70 -4.93 -11.45
N ASP A 19 -9.72 -4.14 -11.14
CA ASP A 19 -11.12 -4.54 -11.42
C ASP A 19 -11.47 -5.86 -10.76
N PHE A 20 -10.96 -6.09 -9.56
CA PHE A 20 -11.24 -7.32 -8.88
C PHE A 20 -12.72 -7.43 -8.54
N LEU A 21 -13.32 -6.30 -8.17
CA LEU A 21 -14.73 -6.28 -7.84
C LEU A 21 -15.43 -5.24 -8.71
N GLU A 22 -16.74 -5.35 -8.86
CA GLU A 22 -17.50 -4.43 -9.73
C GLU A 22 -18.01 -3.14 -9.11
N TYR A 23 -18.51 -3.20 -7.88
CA TYR A 23 -19.07 -2.00 -7.26
C TYR A 23 -18.16 -0.83 -6.91
N PRO A 24 -16.96 -1.09 -6.37
CA PRO A 24 -16.09 0.05 -6.03
C PRO A 24 -15.63 0.80 -7.25
N GLU A 25 -15.38 2.11 -7.12
CA GLU A 25 -14.87 2.88 -8.26
C GLU A 25 -13.52 2.33 -8.66
N GLY A 26 -12.82 1.73 -7.70
CA GLY A 26 -11.52 1.16 -7.99
C GLY A 26 -11.28 -0.04 -7.08
N SER A 27 -10.65 -1.09 -7.60
CA SER A 27 -10.42 -2.23 -6.77
C SER A 27 -9.38 -3.15 -7.30
N CYS A 28 -8.67 -3.83 -6.39
CA CYS A 28 -7.67 -4.80 -6.81
C CYS A 28 -7.31 -5.85 -5.76
N LEU A 29 -6.72 -6.93 -6.24
CA LEU A 29 -6.26 -7.99 -5.38
C LEU A 29 -4.77 -7.97 -5.62
N ILE A 30 -4.00 -7.68 -4.56
CA ILE A 30 -2.54 -7.64 -4.67
C ILE A 30 -1.94 -8.75 -3.85
N SER A 31 -0.81 -9.27 -4.27
CA SER A 31 -0.18 -10.31 -3.49
C SER A 31 1.34 -10.23 -3.53
N PHE A 32 1.96 -10.34 -2.36
CA PHE A 32 3.42 -10.36 -2.16
C PHE A 32 3.55 -11.80 -1.59
N GLY A 33 3.83 -12.79 -2.42
CA GLY A 33 3.95 -14.14 -1.89
C GLY A 33 2.61 -14.69 -1.42
N LYS A 34 2.54 -15.21 -0.20
CA LYS A 34 1.30 -15.74 0.34
C LYS A 34 0.47 -14.60 0.95
N THR A 35 1.07 -13.41 1.02
CA THR A 35 0.38 -12.25 1.57
C THR A 35 -0.53 -11.72 0.49
N LYS A 36 -1.83 -11.72 0.79
CA LYS A 36 -2.85 -11.26 -0.16
C LYS A 36 -3.78 -10.23 0.47
N VAL A 37 -4.03 -9.14 -0.25
CA VAL A 37 -4.90 -8.07 0.26
C VAL A 37 -5.91 -7.52 -0.78
N ILE A 38 -7.18 -7.43 -0.42
CA ILE A 38 -8.13 -6.85 -1.36
C ILE A 38 -8.18 -5.35 -1.06
N CYS A 39 -7.93 -4.53 -2.07
CA CYS A 39 -7.94 -3.10 -1.84
C CYS A 39 -9.03 -2.47 -2.69
N THR A 40 -10.00 -1.81 -2.06
CA THR A 40 -11.08 -1.18 -2.80
C THR A 40 -11.14 0.30 -2.49
N ALA A 41 -11.64 1.08 -3.44
CA ALA A 41 -11.73 2.52 -3.25
C ALA A 41 -13.15 2.92 -3.67
N SER A 42 -13.89 3.46 -2.71
CA SER A 42 -15.28 3.85 -2.91
C SER A 42 -15.48 5.34 -2.66
N VAL A 43 -16.22 5.99 -3.55
CA VAL A 43 -16.46 7.40 -3.38
C VAL A 43 -17.70 7.64 -2.53
N ILE A 44 -17.56 8.50 -1.53
CA ILE A 44 -18.67 8.86 -0.66
C ILE A 44 -18.86 10.33 -0.96
N GLU A 45 -20.06 10.70 -1.42
CA GLU A 45 -20.34 12.08 -1.77
C GLU A 45 -20.46 13.04 -0.60
N ASN A 46 -19.50 12.96 0.31
CA ASN A 46 -19.49 13.82 1.47
C ASN A 46 -18.06 13.98 2.01
N VAL A 47 -17.91 14.79 3.03
CA VAL A 47 -16.60 15.08 3.61
C VAL A 47 -16.68 15.17 5.13
N PRO A 48 -15.54 14.99 5.82
CA PRO A 48 -15.52 15.09 7.28
C PRO A 48 -15.87 16.52 7.67
N ASN A 49 -16.73 16.67 8.67
CA ASN A 49 -17.20 17.97 9.15
C ASN A 49 -16.16 19.09 9.16
N TRP A 50 -14.96 18.80 9.66
CA TRP A 50 -13.92 19.82 9.70
C TRP A 50 -13.39 20.29 8.36
N LEU A 51 -13.84 19.68 7.27
CA LEU A 51 -13.40 20.08 5.94
C LEU A 51 -14.52 20.73 5.16
N LYS A 52 -15.75 20.54 5.62
CA LYS A 52 -16.90 21.13 4.95
C LYS A 52 -16.61 22.55 4.49
N GLY A 53 -16.91 22.81 3.22
CA GLY A 53 -16.71 24.15 2.66
C GLY A 53 -15.29 24.59 2.36
N LYS A 54 -14.29 23.77 2.68
CA LYS A 54 -12.91 24.17 2.41
C LYS A 54 -12.42 23.84 0.99
N GLY A 55 -13.38 23.61 0.08
CA GLY A 55 -13.07 23.30 -1.31
C GLY A 55 -11.99 22.24 -1.49
N GLN A 56 -12.18 21.09 -0.83
CA GLN A 56 -11.18 20.02 -0.89
C GLN A 56 -11.80 18.66 -0.63
N GLY A 57 -11.14 17.61 -1.10
CA GLY A 57 -11.61 16.26 -0.90
C GLY A 57 -10.83 15.60 0.22
N TRP A 58 -11.15 14.35 0.52
CA TRP A 58 -10.45 13.64 1.58
C TRP A 58 -10.28 12.17 1.23
N ILE A 59 -9.28 11.52 1.83
CA ILE A 59 -9.03 10.09 1.61
C ILE A 59 -8.76 9.53 2.99
N THR A 60 -9.40 8.42 3.31
CA THR A 60 -9.20 7.81 4.60
C THR A 60 -9.24 6.29 4.37
N ALA A 61 -8.68 5.53 5.29
CA ALA A 61 -8.61 4.10 5.07
C ALA A 61 -8.99 3.15 6.22
N GLU A 62 -9.53 2.01 5.87
CA GLU A 62 -9.89 1.02 6.86
C GLU A 62 -9.11 -0.25 6.52
N TYR A 63 -8.43 -0.79 7.51
CA TYR A 63 -7.63 -1.99 7.33
C TYR A 63 -8.20 -3.07 8.24
N SER A 64 -8.27 -4.30 7.76
CA SER A 64 -8.75 -5.37 8.61
C SER A 64 -8.02 -6.62 8.28
N MET A 65 -7.81 -7.47 9.27
CA MET A 65 -7.12 -8.71 9.03
C MET A 65 -8.01 -9.91 9.33
N LEU A 66 -8.67 -10.43 8.30
CA LEU A 66 -9.56 -11.59 8.44
C LEU A 66 -8.93 -12.64 9.34
N PRO A 67 -9.67 -13.12 10.34
CA PRO A 67 -9.25 -14.12 11.32
C PRO A 67 -8.19 -15.10 10.83
N ARG A 68 -8.31 -15.57 9.59
CA ARG A 68 -7.31 -16.49 9.05
C ARG A 68 -6.15 -15.71 8.43
N ALA A 69 -5.14 -15.44 9.25
CA ALA A 69 -3.95 -14.71 8.84
C ALA A 69 -2.76 -15.35 9.53
N THR A 70 -1.62 -15.36 8.84
CA THR A 70 -0.38 -15.95 9.36
C THR A 70 -0.60 -17.41 9.78
N GLN A 71 -1.56 -18.06 9.11
CA GLN A 71 -1.94 -19.46 9.37
C GLN A 71 -2.46 -19.62 10.79
N GLN A 72 -2.68 -18.51 11.48
CA GLN A 72 -3.17 -18.53 12.86
C GLN A 72 -4.56 -17.89 12.94
N ARG A 73 -4.87 -17.30 14.10
CA ARG A 73 -6.17 -16.66 14.31
C ARG A 73 -6.08 -15.16 14.59
N THR A 74 -6.68 -14.37 13.71
CA THR A 74 -6.70 -12.92 13.85
C THR A 74 -8.16 -12.47 13.96
N ILE A 75 -8.83 -12.90 15.03
CA ILE A 75 -10.24 -12.57 15.26
C ILE A 75 -10.48 -11.08 15.12
N ARG A 76 -11.42 -10.72 14.24
CA ARG A 76 -11.77 -9.33 13.98
C ARG A 76 -12.15 -8.51 15.21
N GLU A 77 -12.56 -7.26 14.96
CA GLU A 77 -12.95 -6.35 16.03
C GLU A 77 -14.47 -6.35 16.25
N SER A 78 -15.15 -7.33 15.66
CA SER A 78 -16.60 -7.45 15.78
C SER A 78 -17.05 -8.22 17.02
N VAL A 79 -17.20 -9.52 16.87
CA VAL A 79 -17.62 -10.38 17.97
C VAL A 79 -16.48 -10.57 18.97
N GLN A 80 -15.97 -9.44 19.48
CA GLN A 80 -14.88 -9.44 20.45
C GLN A 80 -15.03 -8.26 21.41
N GLY A 81 -14.50 -7.11 21.02
CA GLY A 81 -14.59 -5.93 21.86
C GLY A 81 -13.48 -4.91 21.67
N ARG A 82 -12.45 -4.99 22.53
CA ARG A 82 -11.31 -4.07 22.48
C ARG A 82 -10.65 -3.99 21.10
N ILE A 83 -10.15 -2.80 20.76
CA ILE A 83 -9.48 -2.58 19.48
C ILE A 83 -8.00 -2.26 19.63
N GLY A 84 -7.20 -2.78 18.71
CA GLY A 84 -5.76 -2.56 18.74
C GLY A 84 -5.33 -1.30 18.02
N GLY A 85 -4.38 -0.58 18.63
CA GLY A 85 -3.87 0.64 18.03
C GLY A 85 -3.02 0.30 16.83
N ARG A 86 -2.81 -0.99 16.58
CA ARG A 86 -2.00 -1.47 15.44
C ARG A 86 -2.74 -1.32 14.10
N THR A 87 -4.01 -1.71 14.14
CA THR A 87 -4.89 -1.60 12.99
C THR A 87 -4.97 -0.11 12.68
N HIS A 88 -5.10 0.68 13.74
CA HIS A 88 -5.18 2.12 13.61
C HIS A 88 -3.89 2.73 13.08
N GLU A 89 -2.75 2.23 13.56
CA GLU A 89 -1.46 2.71 13.13
C GLU A 89 -1.34 2.55 11.60
N ILE A 90 -1.72 1.37 11.10
CA ILE A 90 -1.64 1.07 9.69
C ILE A 90 -2.68 1.85 8.86
N GLN A 91 -3.88 2.02 9.39
CA GLN A 91 -4.90 2.78 8.69
C GLN A 91 -4.40 4.20 8.50
N ARG A 92 -3.74 4.73 9.53
CA ARG A 92 -3.22 6.08 9.42
C ARG A 92 -2.10 6.15 8.41
N MET A 93 -1.34 5.07 8.32
CA MET A 93 -0.23 4.99 7.38
C MET A 93 -0.78 5.02 5.95
N ILE A 94 -1.73 4.14 5.67
CA ILE A 94 -2.35 4.04 4.38
C ILE A 94 -2.99 5.37 4.00
N GLY A 95 -3.58 6.05 4.97
CA GLY A 95 -4.24 7.32 4.70
C GLY A 95 -3.24 8.38 4.31
N ARG A 96 -2.12 8.42 5.01
CA ARG A 96 -1.08 9.40 4.71
C ARG A 96 -0.50 9.15 3.33
N ALA A 97 -0.27 7.88 2.99
CA ALA A 97 0.30 7.54 1.67
C ALA A 97 -0.64 7.97 0.51
N MET A 98 -1.92 7.66 0.63
CA MET A 98 -2.84 8.03 -0.43
C MET A 98 -2.98 9.56 -0.58
N ARG A 99 -3.11 10.29 0.54
CA ARG A 99 -3.29 11.75 0.46
C ARG A 99 -2.05 12.41 -0.12
N THR A 100 -0.89 11.87 0.17
CA THR A 100 0.33 12.47 -0.36
C THR A 100 0.35 12.37 -1.89
N ALA A 101 -0.12 11.24 -2.40
CA ALA A 101 -0.15 10.99 -3.84
C ALA A 101 -1.27 11.72 -4.59
N VAL A 102 -2.21 12.37 -3.89
CA VAL A 102 -3.33 13.02 -4.56
C VAL A 102 -3.50 14.52 -4.27
N GLU A 103 -3.77 15.31 -5.31
CA GLU A 103 -4.00 16.73 -5.14
C GLU A 103 -5.49 16.83 -4.79
N LEU A 104 -5.77 16.73 -3.49
CA LEU A 104 -7.13 16.77 -2.95
C LEU A 104 -7.92 18.04 -3.29
N THR A 105 -7.20 19.10 -3.64
CA THR A 105 -7.81 20.36 -4.01
C THR A 105 -8.74 20.10 -5.20
N LYS A 106 -8.30 19.20 -6.08
CA LYS A 106 -9.04 18.92 -7.31
C LYS A 106 -10.00 17.74 -7.33
N ILE A 107 -10.27 17.17 -6.17
CA ILE A 107 -11.18 16.03 -6.11
C ILE A 107 -12.62 16.49 -5.83
N GLY A 108 -12.78 17.72 -5.39
CA GLY A 108 -14.11 18.22 -5.06
C GLY A 108 -14.41 17.81 -3.62
N GLU A 109 -15.58 18.17 -3.11
CA GLU A 109 -15.88 17.82 -1.73
C GLU A 109 -16.48 16.45 -1.56
N ARG A 110 -15.63 15.45 -1.79
CA ARG A 110 -16.03 14.06 -1.66
C ARG A 110 -14.89 13.29 -0.99
N THR A 111 -15.16 12.06 -0.58
CA THR A 111 -14.14 11.28 0.07
C THR A 111 -13.93 9.94 -0.59
N ILE A 112 -12.67 9.55 -0.73
CA ILE A 112 -12.36 8.25 -1.31
C ILE A 112 -12.14 7.36 -0.09
N TRP A 113 -13.04 6.42 0.09
CA TRP A 113 -12.95 5.51 1.22
C TRP A 113 -12.20 4.25 0.80
N VAL A 114 -10.98 4.11 1.31
CA VAL A 114 -10.11 2.99 0.98
C VAL A 114 -10.23 1.84 1.97
N ASP A 115 -10.54 0.67 1.45
CA ASP A 115 -10.68 -0.50 2.29
C ASP A 115 -9.63 -1.55 1.93
N CYS A 116 -8.83 -1.93 2.91
CA CYS A 116 -7.80 -2.93 2.69
C CYS A 116 -8.13 -4.13 3.57
N ASP A 117 -8.47 -5.23 2.91
CA ASP A 117 -8.87 -6.46 3.55
C ASP A 117 -7.84 -7.58 3.32
N VAL A 118 -7.03 -7.84 4.33
CA VAL A 118 -6.03 -8.89 4.24
C VAL A 118 -6.71 -10.25 4.29
N ILE A 119 -6.69 -10.99 3.20
CA ILE A 119 -7.34 -12.30 3.19
C ILE A 119 -6.33 -13.43 3.42
N GLN A 120 -5.05 -13.09 3.51
CA GLN A 120 -4.00 -14.07 3.81
C GLN A 120 -2.72 -13.34 4.20
N ALA A 121 -2.22 -13.65 5.38
CA ALA A 121 -1.04 -12.97 5.90
C ALA A 121 0.21 -13.81 6.06
N ASP A 122 1.31 -13.32 5.50
CA ASP A 122 2.62 -13.98 5.59
C ASP A 122 3.68 -12.89 5.59
N GLY A 123 3.45 -11.87 6.41
CA GLY A 123 4.39 -10.76 6.48
C GLY A 123 4.21 -9.73 5.38
N GLY A 124 4.58 -8.50 5.70
CA GLY A 124 4.51 -7.42 4.74
C GLY A 124 3.11 -7.03 4.33
N THR A 125 2.12 -7.40 5.14
CA THR A 125 0.72 -7.09 4.82
C THR A 125 0.41 -5.59 4.75
N ALA A 126 1.09 -4.76 5.53
CA ALA A 126 0.78 -3.34 5.53
C ALA A 126 1.35 -2.63 4.28
N THR A 127 2.53 -3.07 3.87
CA THR A 127 3.17 -2.47 2.72
C THR A 127 2.48 -2.98 1.46
N ALA A 128 2.00 -4.22 1.51
CA ALA A 128 1.25 -4.80 0.41
C ALA A 128 -0.05 -4.00 0.26
N ALA A 129 -0.72 -3.69 1.37
CA ALA A 129 -1.97 -2.91 1.34
C ALA A 129 -1.76 -1.50 0.76
N ILE A 130 -0.65 -0.85 1.12
CA ILE A 130 -0.37 0.48 0.60
C ILE A 130 -0.15 0.39 -0.91
N THR A 131 0.63 -0.61 -1.34
CA THR A 131 0.93 -0.81 -2.75
C THR A 131 -0.34 -1.02 -3.54
N GLY A 132 -1.25 -1.83 -2.99
CA GLY A 132 -2.52 -2.10 -3.65
C GLY A 132 -3.53 -0.95 -3.56
N ALA A 133 -3.59 -0.32 -2.40
CA ALA A 133 -4.49 0.80 -2.20
C ALA A 133 -4.24 1.88 -3.27
N PHE A 134 -3.00 2.13 -3.64
CA PHE A 134 -2.74 3.15 -4.65
C PHE A 134 -3.45 2.84 -5.97
N VAL A 135 -3.28 1.60 -6.44
CA VAL A 135 -3.89 1.22 -7.68
C VAL A 135 -5.40 1.44 -7.61
N ALA A 136 -6.01 1.08 -6.48
CA ALA A 136 -7.45 1.26 -6.35
C ALA A 136 -7.84 2.74 -6.30
N VAL A 137 -6.99 3.58 -5.72
CA VAL A 137 -7.30 4.99 -5.63
C VAL A 137 -7.14 5.65 -7.00
N ALA A 138 -6.07 5.30 -7.71
CA ALA A 138 -5.83 5.83 -9.05
C ALA A 138 -7.02 5.45 -9.97
N ASP A 139 -7.37 4.16 -10.00
CA ASP A 139 -8.47 3.71 -10.81
C ASP A 139 -9.75 4.44 -10.48
N ALA A 140 -9.95 4.70 -9.19
CA ALA A 140 -11.17 5.36 -8.77
C ALA A 140 -11.23 6.84 -9.22
N ILE A 141 -10.08 7.48 -9.26
CA ILE A 141 -10.02 8.87 -9.68
C ILE A 141 -10.24 8.91 -11.20
N ILE A 142 -9.70 7.92 -11.90
CA ILE A 142 -9.84 7.82 -13.35
C ILE A 142 -11.31 7.56 -13.67
N LYS A 143 -11.93 6.71 -12.85
CA LYS A 143 -13.33 6.38 -13.03
C LYS A 143 -14.20 7.61 -12.81
N LEU A 144 -13.88 8.38 -11.77
CA LEU A 144 -14.64 9.59 -11.47
C LEU A 144 -14.49 10.57 -12.62
N HIS A 145 -13.31 10.57 -13.24
CA HIS A 145 -13.09 11.50 -14.34
C HIS A 145 -13.93 11.10 -15.55
N LYS A 146 -13.84 9.82 -15.90
CA LYS A 146 -14.58 9.26 -17.01
C LYS A 146 -16.09 9.47 -16.82
N GLU A 147 -16.56 9.51 -15.59
CA GLU A 147 -17.99 9.72 -15.34
C GLU A 147 -18.34 11.22 -15.36
N GLY A 148 -17.34 12.07 -15.51
CA GLY A 148 -17.58 13.49 -15.54
C GLY A 148 -17.79 14.15 -14.18
N ILE A 149 -17.58 13.41 -13.10
CA ILE A 149 -17.77 14.00 -11.77
C ILE A 149 -16.68 15.03 -11.51
N ILE A 150 -15.49 14.81 -12.07
CA ILE A 150 -14.39 15.75 -11.88
C ILE A 150 -13.69 16.04 -13.20
N GLU A 151 -13.16 17.26 -13.29
CA GLU A 151 -12.46 17.77 -14.47
C GLU A 151 -11.25 16.98 -14.94
N GLU A 152 -10.27 16.78 -14.06
CA GLU A 152 -9.05 16.07 -14.42
C GLU A 152 -8.81 14.82 -13.58
N THR A 153 -7.59 14.30 -13.63
CA THR A 153 -7.23 13.15 -12.81
C THR A 153 -6.06 13.69 -11.99
N PRO A 154 -6.38 14.38 -10.89
CA PRO A 154 -5.37 14.97 -9.99
C PRO A 154 -4.51 14.02 -9.15
N ILE A 155 -3.81 13.10 -9.83
CA ILE A 155 -2.92 12.14 -9.16
C ILE A 155 -1.51 12.69 -9.32
N LYS A 156 -0.81 12.93 -8.22
CA LYS A 156 0.55 13.47 -8.29
C LYS A 156 1.63 12.48 -8.70
N ASP A 157 1.57 11.24 -8.21
CA ASP A 157 2.61 10.29 -8.51
C ASP A 157 2.23 8.91 -7.96
N PHE A 158 2.95 7.89 -8.37
CA PHE A 158 2.72 6.53 -7.89
C PHE A 158 3.24 6.44 -6.45
N VAL A 159 2.66 5.53 -5.69
CA VAL A 159 3.08 5.30 -4.33
C VAL A 159 3.15 3.80 -4.10
N ALA A 160 4.23 3.31 -3.52
CA ALA A 160 4.31 1.88 -3.22
C ALA A 160 5.11 1.74 -1.92
N ALA A 161 5.08 0.55 -1.32
CA ALA A 161 5.77 0.38 -0.04
C ALA A 161 6.36 -1.01 0.11
N VAL A 162 7.40 -1.15 0.90
CA VAL A 162 7.99 -2.47 1.08
C VAL A 162 8.67 -2.52 2.44
N SER A 163 8.84 -3.74 2.94
CA SER A 163 9.50 -3.92 4.21
C SER A 163 10.92 -4.42 3.98
N VAL A 164 11.77 -4.16 4.98
CA VAL A 164 13.14 -4.62 4.95
C VAL A 164 13.58 -4.84 6.39
N GLY A 165 14.54 -5.71 6.60
CA GLY A 165 14.98 -5.93 7.96
C GLY A 165 16.36 -6.52 8.08
N ILE A 166 16.82 -6.64 9.32
CA ILE A 166 18.11 -7.25 9.60
C ILE A 166 17.75 -8.51 10.34
N VAL A 167 18.12 -9.65 9.76
CA VAL A 167 17.84 -10.95 10.34
C VAL A 167 19.17 -11.68 10.38
N ASN A 168 19.52 -12.22 11.55
CA ASN A 168 20.79 -12.94 11.74
C ASN A 168 21.87 -12.15 11.03
N ASP A 169 21.85 -10.84 11.29
CA ASP A 169 22.79 -9.90 10.74
C ASP A 169 22.87 -9.79 9.23
N ARG A 170 21.80 -10.23 8.57
CA ARG A 170 21.71 -10.12 7.13
C ARG A 170 20.60 -9.09 6.86
N ILE A 171 20.84 -8.22 5.89
CA ILE A 171 19.81 -7.24 5.51
C ILE A 171 18.92 -7.88 4.44
N LEU A 172 17.68 -8.22 4.79
CA LEU A 172 16.77 -8.84 3.83
C LEU A 172 15.66 -7.90 3.35
N LEU A 173 15.27 -8.06 2.09
CA LEU A 173 14.21 -7.25 1.49
C LEU A 173 12.88 -8.01 1.51
N ASP A 174 11.79 -7.30 1.80
CA ASP A 174 10.43 -7.87 1.82
C ASP A 174 10.35 -9.17 2.62
N LEU A 175 10.18 -9.03 3.92
CA LEU A 175 10.16 -10.19 4.80
C LEU A 175 8.82 -10.90 4.93
N ASN A 176 8.88 -12.23 4.98
CA ASN A 176 7.66 -13.00 5.18
C ASN A 176 7.50 -13.00 6.70
N PHE A 177 6.46 -13.66 7.20
CA PHE A 177 6.21 -13.70 8.64
C PHE A 177 7.33 -14.32 9.51
N GLU A 178 7.96 -15.40 9.06
CA GLU A 178 9.03 -16.00 9.87
C GLU A 178 10.26 -15.10 9.98
N GLU A 179 10.65 -14.48 8.88
CA GLU A 179 11.81 -13.61 8.89
C GLU A 179 11.55 -12.41 9.77
N ASP A 180 10.32 -11.91 9.75
CA ASP A 180 10.01 -10.74 10.55
C ASP A 180 9.94 -11.01 12.03
N SER A 181 9.44 -12.18 12.42
CA SER A 181 9.36 -12.47 13.84
C SER A 181 10.75 -12.80 14.37
N ALA A 182 11.67 -13.16 13.48
CA ALA A 182 13.03 -13.49 13.89
C ALA A 182 13.98 -12.31 13.65
N ALA A 183 13.45 -11.17 13.24
CA ALA A 183 14.32 -10.04 12.94
C ALA A 183 14.79 -9.22 14.12
N GLN A 184 16.02 -8.73 14.02
CA GLN A 184 16.59 -7.89 15.06
C GLN A 184 16.11 -6.45 14.84
N VAL A 185 15.93 -6.09 13.57
CA VAL A 185 15.44 -4.77 13.18
C VAL A 185 14.55 -4.94 11.96
N ASP A 186 13.33 -4.41 12.00
CA ASP A 186 12.48 -4.50 10.83
C ASP A 186 12.07 -3.08 10.48
N MET A 187 11.63 -2.86 9.24
CA MET A 187 11.35 -1.51 8.77
C MET A 187 10.36 -1.44 7.59
N ASN A 188 9.49 -0.44 7.59
CA ASN A 188 8.54 -0.26 6.51
C ASN A 188 8.89 1.04 5.82
N VAL A 189 8.94 1.02 4.49
CA VAL A 189 9.25 2.21 3.71
C VAL A 189 8.16 2.44 2.65
N VAL A 190 7.73 3.70 2.55
CA VAL A 190 6.69 4.11 1.61
C VAL A 190 7.33 5.15 0.70
N GLY A 191 7.42 4.82 -0.60
CA GLY A 191 8.02 5.71 -1.57
C GLY A 191 7.16 6.13 -2.76
N THR A 192 7.68 7.07 -3.54
CA THR A 192 6.97 7.62 -4.69
C THR A 192 7.58 7.26 -6.05
N GLY A 193 6.84 7.64 -7.10
CA GLY A 193 7.27 7.36 -8.47
C GLY A 193 8.59 7.98 -8.85
N SER A 194 8.77 9.23 -8.44
CA SER A 194 9.99 9.96 -8.74
C SER A 194 11.16 9.63 -7.80
N GLY A 195 11.09 8.49 -7.12
CA GLY A 195 12.16 8.11 -6.21
C GLY A 195 12.21 8.81 -4.85
N ARG A 196 11.18 9.56 -4.47
CA ARG A 196 11.17 10.21 -3.15
C ARG A 196 10.54 9.29 -2.08
N LEU A 197 10.49 9.78 -0.84
CA LEU A 197 9.93 9.01 0.28
C LEU A 197 8.76 9.73 0.91
N SER A 198 7.80 8.94 1.38
CA SER A 198 6.58 9.43 2.01
C SER A 198 6.62 9.00 3.49
N GLU A 199 7.25 7.86 3.74
CA GLU A 199 7.29 7.40 5.12
C GLU A 199 8.34 6.34 5.39
N VAL A 200 8.92 6.39 6.58
CA VAL A 200 9.91 5.39 6.92
C VAL A 200 9.80 5.14 8.40
N HIS A 201 9.65 3.87 8.74
CA HIS A 201 9.55 3.50 10.12
C HIS A 201 10.47 2.31 10.35
N THR A 202 11.52 2.56 11.13
CA THR A 202 12.51 1.53 11.46
C THR A 202 12.38 1.24 12.95
N MET A 203 12.36 -0.03 13.31
CA MET A 203 12.21 -0.42 14.72
C MET A 203 13.15 -1.51 15.17
N GLY A 204 13.96 -1.20 16.18
CA GLY A 204 14.85 -2.19 16.74
C GLY A 204 13.98 -3.11 17.59
N GLU A 205 14.17 -4.40 17.44
CA GLU A 205 13.40 -5.35 18.22
C GLU A 205 14.33 -5.87 19.31
N GLU A 206 14.53 -5.04 20.34
CA GLU A 206 15.41 -5.34 21.45
C GLU A 206 16.89 -5.34 21.01
N TYR A 207 17.15 -4.73 19.86
CA TYR A 207 18.48 -4.58 19.29
C TYR A 207 18.54 -3.17 18.75
N SER A 208 19.70 -2.52 18.86
CA SER A 208 19.82 -1.15 18.33
C SER A 208 20.57 -1.27 17.02
N PHE A 209 20.57 -0.19 16.23
CA PHE A 209 21.24 -0.23 14.94
C PHE A 209 21.97 1.06 14.68
N THR A 210 22.76 1.10 13.61
CA THR A 210 23.54 2.29 13.29
C THR A 210 22.95 3.10 12.17
N LYS A 211 23.33 4.36 12.10
CA LYS A 211 22.87 5.21 11.02
C LYS A 211 23.17 4.52 9.69
N ASP A 212 24.34 3.92 9.57
CA ASP A 212 24.71 3.27 8.31
C ASP A 212 23.88 2.07 7.96
N GLU A 213 23.52 1.29 8.96
CA GLU A 213 22.68 0.14 8.70
C GLU A 213 21.30 0.64 8.23
N LEU A 214 20.83 1.75 8.79
CA LEU A 214 19.56 2.33 8.41
C LEU A 214 19.62 2.69 6.93
N ILE A 215 20.72 3.34 6.52
CA ILE A 215 20.89 3.73 5.13
C ILE A 215 20.99 2.52 4.21
N LYS A 216 21.67 1.46 4.64
CA LYS A 216 21.76 0.28 3.80
C LYS A 216 20.37 -0.26 3.58
N MET A 217 19.60 -0.32 4.65
CA MET A 217 18.24 -0.83 4.58
C MET A 217 17.37 0.06 3.71
N LEU A 218 17.46 1.37 3.93
CA LEU A 218 16.69 2.31 3.15
C LEU A 218 17.04 2.20 1.66
N ASP A 219 18.32 1.95 1.36
CA ASP A 219 18.75 1.80 -0.03
C ASP A 219 18.10 0.56 -0.66
N LEU A 220 18.12 -0.56 0.07
CA LEU A 220 17.53 -1.77 -0.46
C LEU A 220 16.01 -1.58 -0.65
N ALA A 221 15.37 -0.93 0.30
CA ALA A 221 13.94 -0.69 0.22
C ALA A 221 13.60 0.17 -0.99
N GLN A 222 14.34 1.26 -1.21
CA GLN A 222 14.05 2.12 -2.36
C GLN A 222 14.18 1.36 -3.66
N LYS A 223 15.05 0.36 -3.70
CA LYS A 223 15.14 -0.44 -4.92
C LYS A 223 13.89 -1.32 -5.01
N GLY A 224 13.43 -1.82 -3.88
CA GLY A 224 12.24 -2.64 -3.89
C GLY A 224 11.03 -1.81 -4.34
N ILE A 225 10.94 -0.59 -3.80
CA ILE A 225 9.85 0.33 -4.13
C ILE A 225 9.84 0.58 -5.64
N ASN A 226 11.01 0.74 -6.21
CA ASN A 226 11.12 1.01 -7.63
C ASN A 226 10.62 -0.13 -8.48
N GLU A 227 10.94 -1.36 -8.10
CA GLU A 227 10.45 -2.50 -8.85
C GLU A 227 8.92 -2.56 -8.75
N LEU A 228 8.37 -2.29 -7.56
CA LEU A 228 6.92 -2.34 -7.40
C LEU A 228 6.27 -1.24 -8.23
N ILE A 229 6.92 -0.10 -8.31
CA ILE A 229 6.32 0.97 -9.07
C ILE A 229 6.44 0.71 -10.57
N GLU A 230 7.40 -0.11 -10.98
CA GLU A 230 7.53 -0.41 -12.40
C GLU A 230 6.35 -1.28 -12.76
N LEU A 231 5.95 -2.18 -11.86
CA LEU A 231 4.78 -3.03 -12.08
C LEU A 231 3.54 -2.13 -12.18
N GLN A 232 3.28 -1.35 -11.13
CA GLN A 232 2.14 -0.46 -11.14
C GLN A 232 2.08 0.35 -12.45
N LYS A 233 3.23 0.86 -12.88
CA LYS A 233 3.27 1.69 -14.10
C LYS A 233 2.69 1.04 -15.34
N LYS A 234 2.85 -0.28 -15.48
CA LYS A 234 2.30 -0.97 -16.62
C LYS A 234 0.78 -0.93 -16.64
N LEU A 235 0.17 -0.47 -15.57
CA LEU A 235 -1.29 -0.45 -15.48
C LEU A 235 -1.85 0.88 -15.92
N TYR A 236 -0.98 1.83 -16.20
CA TYR A 236 -1.46 3.15 -16.57
C TYR A 236 -0.74 3.70 -17.81
N VAL A 237 -1.34 4.72 -18.42
CA VAL A 237 -0.77 5.41 -19.56
C VAL A 237 -1.00 6.84 -19.15
N ILE A 238 0.09 7.54 -18.87
CA ILE A 238 0.01 8.91 -18.37
C ILE A 238 0.75 9.89 -19.26
N GLN A 239 0.22 11.10 -19.36
CA GLN A 239 0.86 12.10 -20.17
C GLN A 239 0.39 13.45 -19.67
N ASP A 240 1.37 14.30 -19.32
CA ASP A 240 1.11 15.64 -18.82
C ASP A 240 0.05 15.67 -17.72
N GLY A 241 0.18 14.75 -16.76
CA GLY A 241 -0.79 14.72 -15.68
C GLY A 241 -2.15 14.12 -15.99
N LYS A 242 -2.35 13.61 -17.20
CA LYS A 242 -3.63 12.98 -17.54
C LYS A 242 -3.44 11.49 -17.42
N TRP A 243 -4.26 10.84 -16.61
CA TRP A 243 -4.14 9.41 -16.38
C TRP A 243 -5.24 8.60 -17.04
N GLU A 244 -4.84 7.51 -17.69
CA GLU A 244 -5.77 6.60 -18.31
C GLU A 244 -5.25 5.23 -17.92
N ARG A 245 -6.14 4.26 -17.86
CA ARG A 245 -5.71 2.90 -17.54
C ARG A 245 -5.14 2.28 -18.81
N SER A 246 -4.15 1.41 -18.65
CA SER A 246 -3.59 0.73 -19.80
C SER A 246 -4.63 -0.39 -20.04
N GLU A 247 -4.33 -1.33 -20.93
CA GLU A 247 -5.28 -2.40 -21.20
C GLU A 247 -5.03 -3.62 -20.33
N LEU A 248 -4.03 -3.56 -19.47
CA LEU A 248 -3.76 -4.71 -18.61
C LEU A 248 -4.75 -4.75 -17.48
N LYS A 249 -5.19 -5.95 -17.13
CA LYS A 249 -6.11 -6.13 -16.03
C LYS A 249 -5.29 -6.69 -14.87
N GLU A 250 -4.19 -7.37 -15.23
CA GLU A 250 -3.29 -7.91 -14.24
C GLU A 250 -1.84 -7.71 -14.65
N VAL A 251 -1.00 -7.54 -13.66
CA VAL A 251 0.42 -7.34 -13.87
C VAL A 251 1.07 -8.18 -12.79
N SER A 252 2.17 -8.83 -13.13
CA SER A 252 2.85 -9.63 -12.13
C SER A 252 4.35 -9.53 -12.35
N SER A 253 5.13 -9.81 -11.31
CA SER A 253 6.56 -9.74 -11.46
C SER A 253 7.02 -11.01 -12.12
N THR A 254 8.11 -10.92 -12.87
CA THR A 254 8.68 -12.08 -13.55
C THR A 254 9.50 -12.85 -12.51
N THR A 255 9.81 -12.16 -11.41
CA THR A 255 10.58 -12.70 -10.29
C THR A 255 11.95 -13.24 -10.71
P PO4 B . 3.39 -5.70 8.71
O1 PO4 B . 2.30 -5.97 9.67
O2 PO4 B . 4.19 -4.53 9.17
O3 PO4 B . 4.27 -6.91 8.64
O4 PO4 B . 2.83 -5.41 7.37
S SO4 C . -3.47 19.36 -2.41
O1 SO4 C . -3.58 18.06 -1.73
O2 SO4 C . -2.12 19.49 -3.02
O3 SO4 C . -3.69 20.44 -1.44
O4 SO4 C . -4.49 19.45 -3.49
S SO4 D . -7.04 9.44 8.97
O1 SO4 D . -7.77 9.24 7.70
O2 SO4 D . -7.73 8.70 10.05
O3 SO4 D . -7.00 10.88 9.29
O4 SO4 D . -5.66 8.91 8.84
#